data_5YXD
#
_entry.id   5YXD
#
_cell.length_a   34.755
_cell.length_b   160.725
_cell.length_c   118.349
_cell.angle_alpha   90.000
_cell.angle_beta   90.000
_cell.angle_gamma   90.000
#
_symmetry.space_group_name_H-M   'C 2 2 21'
#
loop_
_entity.id
_entity.type
_entity.pdbx_description
1 polymer 'Bile acid receptor'
2 polymer 'Peptide from Nuclear receptor coactivator'
3 non-polymer 'ethyl methyl 4-(2,3-dichlorophenyl)-2,6-dimethylpyridine-3,5-dicarboxylate'
#
loop_
_entity_poly.entity_id
_entity_poly.type
_entity_poly.pdbx_seq_one_letter_code
_entity_poly.pdbx_strand_id
1 'polypeptide(L)'
;ELTPDQQTLLHFIMDSYNKQRMPQEITNKILKEEFSAEENFLILTEMATNHVQVLVEFTKKLPGFQTLDHEDQIALLKGS
AVEAMFLRSAEIFNKKLPSGHSDLLEERIRNSGISDEYITPMFSFYKSIGELKMTQEEYALLTAIVILSPDRQYIKDREA
VEKLQEPLLDVLQKLCKIHQPENPQHFACLLGRLTELRTFNHHHAEMLMSWRVNDHKFTPLLCEIWDVQ
;
A
2 'polypeptide(L)' NEALLRYLLDK B
#
loop_
_chem_comp.id
_chem_comp.type
_chem_comp.name
_chem_comp.formula
93R non-polymer 'ethyl methyl 4-(2,3-dichlorophenyl)-2,6-dimethylpyridine-3,5-dicarboxylate' 'C18 H17 Cl2 N O4'
#
# COMPACT_ATOMS: atom_id res chain seq x y z
N GLU A 1 -13.34 -0.28 27.08
CA GLU A 1 -13.31 -0.07 25.59
C GLU A 1 -12.39 -1.07 24.88
N LEU A 2 -11.09 -0.84 24.88
CA LEU A 2 -10.16 -1.70 24.14
C LEU A 2 -9.39 -2.64 25.07
N THR A 3 -9.54 -3.96 24.87
CA THR A 3 -8.80 -5.02 25.60
C THR A 3 -7.37 -4.62 25.92
N PRO A 4 -6.80 -5.10 27.06
CA PRO A 4 -5.36 -4.86 27.31
C PRO A 4 -4.44 -5.44 26.24
N ASP A 5 -4.71 -6.66 25.74
CA ASP A 5 -3.88 -7.24 24.68
C ASP A 5 -4.12 -6.64 23.30
N GLN A 6 -5.34 -6.42 22.89
CA GLN A 6 -5.61 -5.61 21.67
C GLN A 6 -4.76 -4.34 21.61
N GLN A 7 -4.68 -3.57 22.69
CA GLN A 7 -3.82 -2.36 22.68
C GLN A 7 -2.31 -2.66 22.59
N THR A 8 -1.89 -3.78 23.22
CA THR A 8 -0.54 -4.31 23.15
C THR A 8 -0.15 -4.54 21.69
N LEU A 9 -1.10 -5.07 20.92
CA LEU A 9 -0.97 -5.33 19.49
C LEU A 9 -1.10 -4.04 18.65
N LEU A 10 -2.01 -3.14 18.98
CA LEU A 10 -2.14 -1.89 18.20
C LEU A 10 -0.93 -1.01 18.35
N HIS A 11 -0.34 -0.94 19.53
CA HIS A 11 0.89 -0.20 19.71
C HIS A 11 2.01 -0.78 18.83
N PHE A 12 2.06 -2.10 18.77
CA PHE A 12 3.07 -2.82 17.99
C PHE A 12 3.04 -2.51 16.48
N ILE A 13 1.84 -2.32 15.95
CA ILE A 13 1.63 -2.01 14.53
C ILE A 13 1.91 -0.56 14.19
N MET A 14 1.58 0.33 15.11
CA MET A 14 1.95 1.74 14.96
C MET A 14 3.43 2.00 14.96
N ASP A 15 4.14 1.24 15.78
CA ASP A 15 5.59 1.43 15.94
C ASP A 15 6.33 1.01 14.67
N SER A 16 5.64 0.31 13.78
CA SER A 16 6.16 -0.04 12.49
C SER A 16 5.56 0.84 11.42
N TYR A 17 4.30 1.17 11.51
CA TYR A 17 3.72 2.01 10.46
C TYR A 17 4.32 3.43 10.41
N ASN A 18 4.60 3.98 11.59
CA ASN A 18 5.04 5.38 11.69
C ASN A 18 6.57 5.49 11.56
N LYS A 19 7.26 4.35 11.62
CA LYS A 19 8.72 4.30 11.40
C LYS A 19 9.18 4.77 10.05
N GLN A 20 8.30 4.76 9.07
CA GLN A 20 8.71 4.92 7.70
C GLN A 20 7.97 6.07 7.06
N ARG A 21 8.68 6.65 6.08
CA ARG A 21 8.41 7.96 5.47
C ARG A 21 8.83 7.83 4.03
N MET A 22 8.41 8.82 3.22
CA MET A 22 8.95 9.06 1.88
C MET A 22 10.07 10.06 1.99
N PRO A 23 11.24 9.74 1.39
CA PRO A 23 12.40 10.57 1.66
C PRO A 23 12.32 12.01 1.13
N GLN A 24 13.12 12.85 1.77
CA GLN A 24 13.43 14.20 1.31
C GLN A 24 13.84 14.23 -0.21
N GLU A 25 14.90 13.49 -0.54
CA GLU A 25 15.41 13.38 -1.93
C GLU A 25 14.29 13.19 -2.97
N ILE A 26 13.22 12.50 -2.57
CA ILE A 26 12.15 12.07 -3.46
C ILE A 26 11.03 13.07 -3.53
N THR A 27 10.61 13.57 -2.38
CA THR A 27 9.55 14.59 -2.34
C THR A 27 10.02 15.92 -2.91
N ASN A 28 11.31 16.22 -2.80
CA ASN A 28 11.90 17.41 -3.45
C ASN A 28 11.73 17.32 -4.95
N LYS A 29 12.20 16.24 -5.58
CA LYS A 29 12.00 16.02 -7.03
C LYS A 29 10.60 16.43 -7.58
N ILE A 30 9.54 16.21 -6.83
CA ILE A 30 8.21 16.69 -7.20
C ILE A 30 8.15 18.19 -7.49
N LEU A 31 8.83 19.00 -6.67
CA LEU A 31 9.06 20.45 -6.96
C LEU A 31 10.26 20.58 -7.89
N LYS A 32 11.42 20.17 -7.41
CA LYS A 32 12.73 20.43 -8.05
C LYS A 32 12.69 20.06 -9.53
N GLU A 33 12.63 18.77 -9.83
CA GLU A 33 12.89 18.33 -11.18
C GLU A 33 11.97 18.96 -12.23
N GLU A 34 12.56 19.09 -13.41
CA GLU A 34 11.91 19.46 -14.65
C GLU A 34 10.72 18.57 -15.06
N PHE A 35 9.83 19.15 -15.86
CA PHE A 35 8.61 18.50 -16.35
C PHE A 35 8.67 17.95 -17.75
N SER A 36 8.10 16.77 -17.92
CA SER A 36 7.92 16.11 -19.22
C SER A 36 7.46 14.73 -18.91
N ALA A 37 6.96 14.01 -19.91
CA ALA A 37 6.63 12.57 -19.73
C ALA A 37 7.79 11.69 -19.18
N GLU A 38 9.04 11.99 -19.56
CA GLU A 38 10.19 11.12 -19.21
C GLU A 38 10.53 11.31 -17.76
N GLU A 39 10.60 12.55 -17.30
CA GLU A 39 11.05 12.87 -15.95
C GLU A 39 9.97 12.63 -14.94
N ASN A 40 8.73 12.96 -15.31
CA ASN A 40 7.54 12.69 -14.48
C ASN A 40 7.35 11.20 -14.24
N PHE A 41 7.40 10.42 -15.29
CA PHE A 41 7.40 8.98 -15.15
C PHE A 41 8.57 8.51 -14.26
N LEU A 42 9.79 8.95 -14.56
CA LEU A 42 10.98 8.56 -13.83
C LEU A 42 10.85 8.84 -12.35
N ILE A 43 10.05 9.84 -12.00
CA ILE A 43 9.77 10.14 -10.60
C ILE A 43 8.81 9.14 -9.95
N LEU A 44 7.73 8.83 -10.67
CA LEU A 44 6.74 7.87 -10.23
C LEU A 44 7.35 6.48 -9.97
N THR A 45 8.34 6.10 -10.75
CA THR A 45 9.04 4.88 -10.54
C THR A 45 9.78 4.90 -9.21
N GLU A 46 10.45 6.01 -8.90
CA GLU A 46 11.13 6.16 -7.65
C GLU A 46 10.16 6.09 -6.47
N MET A 47 8.99 6.68 -6.59
CA MET A 47 8.06 6.62 -5.49
C MET A 47 7.61 5.19 -5.26
N ALA A 48 7.33 4.51 -6.37
CA ALA A 48 6.78 3.16 -6.30
C ALA A 48 7.79 2.18 -5.66
N THR A 49 9.05 2.34 -6.02
CA THR A 49 10.15 1.67 -5.35
C THR A 49 10.22 1.99 -3.88
N ASN A 50 9.96 3.23 -3.53
CA ASN A 50 9.99 3.61 -2.16
C ASN A 50 8.91 2.92 -1.38
N HIS A 51 7.74 2.76 -2.00
CA HIS A 51 6.62 2.11 -1.36
C HIS A 51 6.88 0.64 -1.13
N VAL A 52 7.52 0.00 -2.09
CA VAL A 52 7.91 -1.37 -1.89
C VAL A 52 8.91 -1.49 -0.77
N GLN A 53 9.87 -0.60 -0.74
CA GLN A 53 10.81 -0.56 0.35
C GLN A 53 10.08 -0.50 1.69
N VAL A 54 9.15 0.42 1.79
CA VAL A 54 8.35 0.62 2.97
C VAL A 54 7.36 -0.53 3.26
N LEU A 55 6.68 -0.98 2.22
CA LEU A 55 5.85 -2.16 2.32
C LEU A 55 6.56 -3.30 2.99
N VAL A 56 7.72 -3.63 2.48
CA VAL A 56 8.48 -4.78 2.91
C VAL A 56 8.82 -4.64 4.34
N GLU A 57 9.46 -3.55 4.68
CA GLU A 57 9.80 -3.31 6.04
C GLU A 57 8.65 -3.26 7.00
N PHE A 58 7.53 -2.71 6.60
CA PHE A 58 6.32 -2.90 7.42
C PHE A 58 5.96 -4.39 7.63
N THR A 59 5.89 -5.14 6.53
CA THR A 59 5.47 -6.53 6.51
C THR A 59 6.25 -7.42 7.45
N LYS A 60 7.56 -7.30 7.39
CA LYS A 60 8.42 -8.12 8.22
C LYS A 60 8.14 -7.90 9.75
N LYS A 61 7.65 -6.72 10.11
CA LYS A 61 7.37 -6.40 11.50
C LYS A 61 6.02 -6.84 11.96
N LEU A 62 5.08 -7.07 11.05
CA LEU A 62 3.72 -7.47 11.48
C LEU A 62 3.89 -8.66 12.40
N PRO A 63 3.22 -8.60 13.56
CA PRO A 63 3.41 -9.62 14.56
C PRO A 63 2.87 -10.93 14.07
N GLY A 64 3.60 -12.01 14.36
CA GLY A 64 3.32 -13.36 13.84
C GLY A 64 4.00 -13.71 12.53
N PHE A 65 4.19 -12.70 11.67
CA PHE A 65 4.59 -12.89 10.29
C PHE A 65 5.86 -13.70 10.14
N GLN A 66 6.83 -13.54 11.02
CA GLN A 66 8.07 -14.37 10.99
C GLN A 66 7.84 -15.85 11.20
N THR A 67 6.79 -16.23 11.93
CA THR A 67 6.45 -17.63 12.14
C THR A 67 5.92 -18.30 10.84
N LEU A 68 5.35 -17.53 9.92
CA LEU A 68 4.87 -18.07 8.65
C LEU A 68 5.95 -18.75 7.82
N ASP A 69 5.52 -19.73 7.01
CA ASP A 69 6.39 -20.43 6.09
C ASP A 69 6.98 -19.44 5.08
N HIS A 70 8.27 -19.58 4.80
CA HIS A 70 9.02 -18.70 3.84
C HIS A 70 8.35 -18.49 2.48
N GLU A 71 7.87 -19.54 1.87
CA GLU A 71 7.18 -19.41 0.61
C GLU A 71 5.90 -18.59 0.76
N ASP A 72 5.16 -18.85 1.82
CA ASP A 72 3.97 -18.07 2.10
C ASP A 72 4.26 -16.64 2.42
N GLN A 73 5.41 -16.35 3.04
CA GLN A 73 5.81 -14.94 3.25
C GLN A 73 6.00 -14.21 1.96
N ILE A 74 6.62 -14.88 1.00
CA ILE A 74 6.78 -14.29 -0.31
C ILE A 74 5.43 -14.04 -0.99
N ALA A 75 4.62 -15.07 -1.07
CA ALA A 75 3.34 -15.04 -1.72
C ALA A 75 2.45 -13.84 -1.27
N LEU A 76 2.40 -13.70 0.04
CA LEU A 76 1.72 -12.61 0.68
C LEU A 76 2.20 -11.25 0.23
N LEU A 77 3.51 -11.10 0.26
CA LEU A 77 4.19 -9.88 -0.13
C LEU A 77 3.93 -9.40 -1.55
N LYS A 78 3.98 -10.33 -2.51
CA LYS A 78 3.67 -10.11 -3.92
C LYS A 78 2.19 -10.00 -4.24
N GLY A 79 1.37 -10.72 -3.48
CA GLY A 79 -0.07 -10.62 -3.59
C GLY A 79 -0.64 -9.30 -3.13
N SER A 80 -0.11 -8.80 -2.01
CA SER A 80 -0.63 -7.63 -1.38
C SER A 80 -0.04 -6.40 -1.96
N ALA A 81 1.08 -6.57 -2.67
CA ALA A 81 1.93 -5.50 -3.22
C ALA A 81 1.20 -4.34 -3.83
N VAL A 82 0.40 -4.64 -4.83
CA VAL A 82 -0.26 -3.61 -5.61
C VAL A 82 -1.29 -2.87 -4.79
N GLU A 83 -2.05 -3.64 -3.99
CA GLU A 83 -3.03 -2.99 -3.11
C GLU A 83 -2.41 -2.12 -2.04
N ALA A 84 -1.36 -2.62 -1.39
CA ALA A 84 -0.67 -1.86 -0.40
C ALA A 84 -0.16 -0.55 -1.03
N MET A 85 0.41 -0.62 -2.21
CA MET A 85 0.87 0.60 -2.86
C MET A 85 -0.19 1.62 -3.18
N PHE A 86 -1.35 1.20 -3.67
CA PHE A 86 -2.45 2.15 -3.96
C PHE A 86 -2.95 2.80 -2.68
N LEU A 87 -2.99 1.99 -1.64
CA LEU A 87 -3.32 2.47 -0.31
C LEU A 87 -2.30 3.40 0.36
N ARG A 88 -0.97 3.18 0.17
CA ARG A 88 0.07 4.08 0.73
C ARG A 88 0.03 5.38 -0.02
N SER A 89 0.07 5.26 -1.34
CA SER A 89 -0.11 6.33 -2.28
C SER A 89 -1.24 7.26 -1.93
N ALA A 90 -2.37 6.67 -1.59
CA ALA A 90 -3.54 7.45 -1.16
C ALA A 90 -3.17 7.59 0.31
N GLU A 91 -3.28 8.77 0.93
CA GLU A 91 -2.63 9.00 2.26
C GLU A 91 -1.13 9.48 2.24
N ILE A 92 -0.68 9.80 1.05
CA ILE A 92 0.61 10.36 0.82
C ILE A 92 -0.03 11.53 0.07
N PHE A 93 -0.98 11.17 -0.84
CA PHE A 93 -1.76 12.11 -1.58
C PHE A 93 -2.82 12.82 -0.81
N ASN A 94 -3.33 12.25 0.28
CA ASN A 94 -4.38 12.94 1.10
C ASN A 94 -3.89 13.62 2.40
N LYS A 95 -2.72 13.27 2.90
CA LYS A 95 -2.33 13.71 4.23
C LYS A 95 -0.96 14.29 4.35
N LYS A 96 0.00 13.85 3.56
CA LYS A 96 1.43 14.29 3.63
C LYS A 96 1.76 15.14 2.38
N LEU A 97 0.88 16.09 2.15
CA LEU A 97 0.77 16.77 0.89
C LEU A 97 0.77 18.16 1.30
N PRO A 98 1.90 18.79 1.19
CA PRO A 98 1.79 20.21 1.47
C PRO A 98 1.04 20.49 0.16
N SER A 99 -0.12 21.11 0.25
CA SER A 99 -1.05 21.32 -0.87
C SER A 99 -0.44 21.65 -2.27
N GLY A 100 0.54 22.58 -2.30
CA GLY A 100 1.32 22.87 -3.50
C GLY A 100 1.91 21.62 -4.11
N HIS A 101 2.53 20.81 -3.25
CA HIS A 101 3.15 19.51 -3.64
C HIS A 101 2.13 18.60 -4.37
N SER A 102 1.02 18.29 -3.69
CA SER A 102 -0.04 17.40 -4.23
C SER A 102 -0.69 17.85 -5.54
N ASP A 103 -0.77 19.16 -5.74
CA ASP A 103 -1.20 19.70 -7.06
C ASP A 103 -0.18 19.44 -8.17
N LEU A 104 1.09 19.75 -7.89
CA LEU A 104 2.21 19.45 -8.79
C LEU A 104 2.33 18.00 -9.10
N LEU A 105 2.14 17.16 -8.07
CA LEU A 105 2.10 15.72 -8.29
C LEU A 105 0.93 15.30 -9.21
N GLU A 106 -0.23 15.92 -9.02
CA GLU A 106 -1.36 15.64 -9.90
C GLU A 106 -0.96 16.00 -11.36
N GLU A 107 -0.38 17.17 -11.56
CA GLU A 107 0.04 17.56 -12.89
C GLU A 107 0.98 16.54 -13.49
N ARG A 108 2.00 16.18 -12.71
CA ARG A 108 3.05 15.23 -13.11
C ARG A 108 2.50 13.83 -13.43
N ILE A 109 1.54 13.39 -12.63
CA ILE A 109 0.87 12.11 -12.87
C ILE A 109 0.11 12.13 -14.17
N ARG A 110 -0.66 13.20 -14.39
CA ARG A 110 -1.45 13.38 -15.63
C ARG A 110 -0.65 13.65 -16.94
N ASN A 111 0.65 13.92 -16.86
CA ASN A 111 1.53 14.00 -18.02
C ASN A 111 2.72 13.05 -17.82
N SER A 112 2.42 11.79 -17.57
CA SER A 112 3.48 10.80 -17.31
C SER A 112 3.66 9.82 -18.47
N GLY A 113 2.99 10.09 -19.58
CA GLY A 113 2.84 9.11 -20.66
C GLY A 113 1.86 7.96 -20.36
N ILE A 114 1.07 8.08 -19.27
CA ILE A 114 0.11 7.08 -18.83
C ILE A 114 -1.25 7.58 -19.28
N SER A 115 -2.22 6.69 -19.45
CA SER A 115 -3.50 7.05 -20.03
C SER A 115 -4.63 7.15 -19.02
N ASP A 116 -5.61 8.01 -19.35
CA ASP A 116 -6.78 8.32 -18.54
C ASP A 116 -7.52 7.13 -17.96
N GLU A 117 -7.71 6.13 -18.80
CA GLU A 117 -8.37 4.88 -18.40
C GLU A 117 -7.83 4.28 -17.06
N TYR A 118 -6.54 4.56 -16.77
CA TYR A 118 -5.90 4.26 -15.47
C TYR A 118 -5.83 5.44 -14.48
N ILE A 119 -5.36 6.60 -14.94
CA ILE A 119 -5.27 7.81 -14.12
C ILE A 119 -6.60 8.16 -13.43
N THR A 120 -7.72 8.11 -14.15
CA THR A 120 -9.03 8.52 -13.60
C THR A 120 -9.54 7.67 -12.43
N PRO A 121 -9.49 6.33 -12.56
CA PRO A 121 -9.91 5.54 -11.40
C PRO A 121 -9.00 5.67 -10.18
N MET A 122 -7.74 5.99 -10.40
CA MET A 122 -6.83 6.20 -9.32
C MET A 122 -7.34 7.39 -8.53
N PHE A 123 -7.40 8.54 -9.18
CA PHE A 123 -7.86 9.75 -8.53
C PHE A 123 -9.26 9.64 -7.92
N SER A 124 -10.13 8.86 -8.55
CA SER A 124 -11.46 8.57 -8.03
C SER A 124 -11.30 8.05 -6.64
N PHE A 125 -10.55 6.96 -6.55
CA PHE A 125 -10.36 6.22 -5.31
C PHE A 125 -9.73 7.08 -4.22
N TYR A 126 -8.78 7.93 -4.60
CA TYR A 126 -8.23 8.88 -3.67
C TYR A 126 -9.30 9.71 -3.03
N LYS A 127 -10.06 10.40 -3.86
CA LYS A 127 -11.18 11.22 -3.39
C LYS A 127 -12.16 10.45 -2.49
N SER A 128 -12.39 9.20 -2.84
CA SER A 128 -13.29 8.32 -2.07
C SER A 128 -12.79 8.02 -0.68
N ILE A 129 -11.52 7.69 -0.55
CA ILE A 129 -10.86 7.60 0.77
C ILE A 129 -10.86 8.99 1.45
N GLY A 130 -10.77 10.06 0.63
CA GLY A 130 -10.89 11.48 1.05
C GLY A 130 -12.02 11.70 2.03
N GLU A 131 -13.26 11.47 1.59
CA GLU A 131 -14.35 11.34 2.55
C GLU A 131 -14.06 10.09 3.42
N LEU A 132 -14.42 10.09 4.71
CA LEU A 132 -13.81 9.18 5.76
C LEU A 132 -12.46 9.74 6.01
N LYS A 133 -12.36 10.88 6.59
CA LYS A 133 -11.09 11.55 6.73
C LYS A 133 -10.16 10.67 7.57
N MET A 134 -9.69 9.56 7.00
CA MET A 134 -9.19 8.46 7.80
C MET A 134 -8.04 8.86 8.68
N THR A 135 -7.91 8.13 9.75
CA THR A 135 -6.95 8.39 10.75
C THR A 135 -5.68 7.55 10.56
N GLN A 136 -4.74 7.80 11.45
CA GLN A 136 -3.36 7.34 11.35
C GLN A 136 -3.40 5.82 11.49
N GLU A 137 -4.19 5.35 12.46
CA GLU A 137 -4.29 3.94 12.84
C GLU A 137 -5.21 3.14 11.90
N GLU A 138 -6.16 3.85 11.26
CA GLU A 138 -7.04 3.25 10.25
C GLU A 138 -6.19 2.78 9.04
N TYR A 139 -5.23 3.59 8.59
CA TYR A 139 -4.39 3.20 7.50
C TYR A 139 -3.44 2.06 7.86
N ALA A 140 -2.88 2.12 9.05
CA ALA A 140 -1.94 1.10 9.48
C ALA A 140 -2.60 -0.24 9.59
N LEU A 141 -3.78 -0.29 10.19
CA LEU A 141 -4.56 -1.52 10.29
C LEU A 141 -5.07 -2.10 8.99
N LEU A 142 -5.67 -1.27 8.13
CA LEU A 142 -6.06 -1.72 6.82
C LEU A 142 -4.88 -2.31 6.05
N THR A 143 -3.77 -1.61 6.08
CA THR A 143 -2.59 -2.09 5.40
C THR A 143 -2.21 -3.46 5.91
N ALA A 144 -2.22 -3.63 7.22
CA ALA A 144 -1.92 -4.95 7.77
C ALA A 144 -2.98 -5.99 7.39
N ILE A 145 -4.22 -5.57 7.40
CA ILE A 145 -5.30 -6.43 6.93
C ILE A 145 -5.15 -6.81 5.44
N VAL A 146 -4.78 -5.84 4.61
CA VAL A 146 -4.56 -6.06 3.17
C VAL A 146 -3.39 -7.03 2.92
N ILE A 147 -2.35 -6.88 3.71
CA ILE A 147 -1.17 -7.68 3.52
C ILE A 147 -1.39 -9.14 3.91
N LEU A 148 -2.20 -9.37 4.94
CA LEU A 148 -2.49 -10.70 5.47
C LEU A 148 -3.79 -11.31 4.96
N SER A 149 -4.20 -11.05 3.71
CA SER A 149 -5.30 -11.85 3.06
C SER A 149 -4.94 -13.33 3.06
N PRO A 150 -5.90 -14.17 3.48
CA PRO A 150 -5.76 -15.58 3.10
C PRO A 150 -6.16 -15.78 1.63
N ASP A 151 -6.92 -14.85 1.06
CA ASP A 151 -7.34 -14.84 -0.34
C ASP A 151 -6.25 -14.97 -1.45
N ARG A 152 -5.02 -14.44 -1.25
CA ARG A 152 -3.99 -14.38 -2.34
C ARG A 152 -3.62 -15.75 -2.89
N GLN A 153 -3.25 -15.79 -4.17
CA GLN A 153 -2.76 -17.00 -4.81
C GLN A 153 -1.46 -17.52 -4.19
N TYR A 154 -1.20 -18.79 -4.42
CA TYR A 154 0.00 -19.54 -4.03
C TYR A 154 0.29 -19.72 -2.55
N ILE A 155 -0.66 -19.44 -1.66
CA ILE A 155 -0.42 -19.65 -0.23
C ILE A 155 -0.73 -21.11 0.09
N LYS A 156 0.20 -21.81 0.72
CA LYS A 156 -0.05 -23.14 1.30
C LYS A 156 -1.03 -23.13 2.47
N ASP A 157 -0.63 -22.48 3.57
CA ASP A 157 -1.40 -22.45 4.82
C ASP A 157 -2.23 -21.18 5.01
N ARG A 158 -3.43 -21.19 4.43
CA ARG A 158 -4.39 -20.10 4.62
C ARG A 158 -4.89 -19.96 6.08
N GLU A 159 -4.91 -21.06 6.82
CA GLU A 159 -5.40 -21.06 8.21
C GLU A 159 -4.55 -20.19 9.14
N ALA A 160 -3.22 -20.27 8.95
CA ALA A 160 -2.25 -19.52 9.73
C ALA A 160 -2.32 -18.01 9.46
N VAL A 161 -2.63 -17.67 8.22
CA VAL A 161 -2.72 -16.30 7.78
C VAL A 161 -4.06 -15.73 8.27
N GLU A 162 -5.15 -16.48 8.09
CA GLU A 162 -6.48 -16.07 8.62
C GLU A 162 -6.38 -15.71 10.12
N LYS A 163 -5.72 -16.56 10.90
CA LYS A 163 -5.51 -16.34 12.35
C LYS A 163 -4.64 -15.14 12.73
N LEU A 164 -3.93 -14.60 11.75
CA LEU A 164 -3.16 -13.37 11.90
C LEU A 164 -3.95 -12.14 11.51
N GLN A 165 -4.86 -12.30 10.57
CA GLN A 165 -5.65 -11.19 10.08
C GLN A 165 -6.83 -10.87 11.02
N GLU A 166 -7.30 -11.88 11.75
CA GLU A 166 -8.57 -11.76 12.54
C GLU A 166 -8.41 -10.86 13.82
N PRO A 167 -7.31 -11.06 14.59
CA PRO A 167 -7.09 -10.09 15.65
C PRO A 167 -7.14 -8.66 15.16
N LEU A 168 -6.54 -8.43 14.00
CA LEU A 168 -6.42 -7.09 13.45
C LEU A 168 -7.75 -6.48 13.03
N LEU A 169 -8.56 -7.29 12.37
CA LEU A 169 -9.91 -6.92 12.02
C LEU A 169 -10.71 -6.53 13.24
N ASP A 170 -10.50 -7.27 14.34
CA ASP A 170 -11.26 -6.98 15.56
C ASP A 170 -10.87 -5.59 16.10
N VAL A 171 -9.57 -5.39 16.19
CA VAL A 171 -9.02 -4.14 16.64
C VAL A 171 -9.59 -3.00 15.84
N LEU A 172 -9.66 -3.16 14.52
CA LEU A 172 -10.19 -2.08 13.72
C LEU A 172 -11.62 -1.80 14.05
N GLN A 173 -12.41 -2.87 14.17
CA GLN A 173 -13.85 -2.76 14.41
C GLN A 173 -14.07 -2.06 15.74
N LYS A 174 -13.38 -2.57 16.75
CA LYS A 174 -13.38 -1.95 18.07
C LYS A 174 -12.80 -0.53 18.04
N LEU A 175 -11.93 -0.20 17.08
CA LEU A 175 -11.46 1.19 16.85
C LEU A 175 -12.45 2.12 16.23
N CYS A 176 -13.27 1.63 15.33
CA CYS A 176 -14.29 2.47 14.72
C CYS A 176 -15.33 2.90 15.75
N LYS A 177 -15.69 1.99 16.64
CA LYS A 177 -16.65 2.30 17.71
C LYS A 177 -16.19 3.34 18.77
N ILE A 178 -14.90 3.69 18.73
CA ILE A 178 -14.25 4.64 19.65
C ILE A 178 -13.96 6.02 19.02
N HIS A 179 -13.49 6.07 17.79
CA HIS A 179 -13.22 7.38 17.18
C HIS A 179 -14.38 7.80 16.26
N GLN A 180 -15.29 6.87 15.99
CA GLN A 180 -16.51 7.14 15.22
C GLN A 180 -17.70 6.46 15.94
N PRO A 181 -17.94 6.83 17.21
CA PRO A 181 -19.06 6.25 17.91
C PRO A 181 -20.43 6.72 17.42
N GLU A 182 -20.50 7.91 16.82
CA GLU A 182 -21.78 8.36 16.26
C GLU A 182 -22.16 7.60 14.97
N ASN A 183 -21.17 7.02 14.26
CA ASN A 183 -21.39 6.44 12.93
C ASN A 183 -21.06 4.94 12.98
N PRO A 184 -22.06 4.10 13.22
CA PRO A 184 -21.83 2.68 13.44
C PRO A 184 -21.68 1.83 12.15
N GLN A 185 -21.81 2.43 10.97
CA GLN A 185 -21.53 1.71 9.73
C GLN A 185 -20.08 1.89 9.28
N HIS A 186 -19.32 2.71 10.01
CA HIS A 186 -18.01 3.18 9.56
C HIS A 186 -17.12 2.01 9.16
N PHE A 187 -16.83 1.12 10.11
CA PHE A 187 -16.14 -0.15 9.87
C PHE A 187 -16.54 -0.87 8.57
N ALA A 188 -17.81 -0.86 8.21
CA ALA A 188 -18.21 -1.37 6.90
C ALA A 188 -17.82 -0.42 5.81
N CYS A 189 -18.14 0.87 5.89
CA CYS A 189 -17.71 1.82 4.89
C CYS A 189 -16.22 1.61 4.50
N LEU A 190 -15.38 1.28 5.49
CA LEU A 190 -13.96 1.01 5.27
C LEU A 190 -13.73 -0.17 4.36
N LEU A 191 -14.20 -1.34 4.77
CA LEU A 191 -14.02 -2.55 3.96
C LEU A 191 -14.72 -2.48 2.62
N GLY A 192 -15.62 -1.52 2.44
CA GLY A 192 -16.20 -1.19 1.15
C GLY A 192 -15.18 -0.60 0.23
N ARG A 193 -14.29 0.23 0.77
CA ARG A 193 -13.18 0.78 0.02
C ARG A 193 -12.16 -0.33 -0.24
N LEU A 194 -11.94 -1.16 0.76
CA LEU A 194 -11.04 -2.31 0.59
C LEU A 194 -11.45 -3.20 -0.61
N THR A 195 -12.71 -3.18 -1.00
CA THR A 195 -13.19 -3.93 -2.16
C THR A 195 -12.82 -3.26 -3.46
N GLU A 196 -13.03 -1.94 -3.55
CA GLU A 196 -12.75 -1.23 -4.80
C GLU A 196 -11.24 -1.09 -5.01
N LEU A 197 -10.47 -1.38 -3.95
CA LEU A 197 -9.01 -1.42 -4.02
C LEU A 197 -8.52 -2.62 -4.77
N ARG A 198 -9.22 -3.75 -4.64
CA ARG A 198 -8.89 -4.96 -5.42
C ARG A 198 -9.18 -4.87 -6.88
N THR A 199 -10.08 -3.97 -7.28
CA THR A 199 -10.26 -3.55 -8.68
C THR A 199 -8.96 -3.23 -9.39
N PHE A 200 -8.01 -2.73 -8.64
CA PHE A 200 -6.77 -2.25 -9.18
C PHE A 200 -5.80 -3.37 -9.53
N ASN A 201 -6.07 -4.60 -9.11
CA ASN A 201 -5.18 -5.70 -9.48
C ASN A 201 -5.27 -5.98 -10.94
N HIS A 202 -6.44 -5.77 -11.52
CA HIS A 202 -6.62 -5.80 -12.99
C HIS A 202 -6.06 -4.59 -13.65
N HIS A 203 -6.29 -3.43 -13.09
CA HIS A 203 -5.73 -2.24 -13.68
C HIS A 203 -4.21 -2.31 -13.84
N HIS A 204 -3.54 -2.67 -12.78
CA HIS A 204 -2.11 -2.85 -12.78
C HIS A 204 -1.64 -3.84 -13.85
N ALA A 205 -2.27 -5.00 -13.88
CA ALA A 205 -1.80 -6.11 -14.72
C ALA A 205 -1.93 -5.81 -16.18
N GLU A 206 -2.98 -5.06 -16.49
CA GLU A 206 -3.22 -4.46 -17.80
C GLU A 206 -2.11 -3.47 -18.04
N MET A 207 -2.10 -2.41 -17.22
CA MET A 207 -1.19 -1.28 -17.34
C MET A 207 0.27 -1.61 -17.55
N LEU A 208 0.72 -2.74 -17.07
CA LEU A 208 2.03 -3.20 -17.42
C LEU A 208 2.18 -3.46 -18.90
N MET A 209 1.14 -3.98 -19.53
CA MET A 209 1.26 -4.35 -20.94
C MET A 209 1.33 -3.10 -21.78
N SER A 210 0.38 -2.21 -21.54
CA SER A 210 0.28 -0.93 -22.24
C SER A 210 1.63 -0.25 -22.25
N TRP A 211 2.08 0.11 -21.06
CA TRP A 211 3.28 0.92 -20.94
C TRP A 211 4.60 0.20 -21.21
N ARG A 212 4.63 -1.14 -21.22
CA ARG A 212 5.88 -1.93 -21.50
C ARG A 212 6.46 -1.76 -22.91
N VAL A 213 5.60 -1.22 -23.77
CA VAL A 213 5.98 -0.66 -25.05
C VAL A 213 7.14 0.29 -24.55
N ASN A 214 7.90 0.98 -25.41
CA ASN A 214 9.09 1.90 -25.01
C ASN A 214 10.25 1.39 -24.01
N ASP A 215 10.24 0.08 -23.74
CA ASP A 215 11.22 -0.71 -22.90
C ASP A 215 11.95 -0.35 -21.58
N HIS A 216 11.29 0.29 -20.66
CA HIS A 216 11.84 0.73 -19.32
C HIS A 216 12.81 -0.10 -18.49
N LYS A 217 12.39 -1.34 -18.28
CA LYS A 217 13.09 -2.29 -17.45
C LYS A 217 13.29 -1.64 -16.11
N PHE A 218 12.17 -1.60 -15.38
CA PHE A 218 12.09 -1.03 -14.05
C PHE A 218 13.22 -1.50 -13.12
N THR A 219 13.48 -0.75 -12.06
CA THR A 219 14.51 -1.12 -11.09
C THR A 219 14.32 -2.54 -10.56
N PRO A 220 15.38 -3.17 -10.08
CA PRO A 220 15.29 -4.56 -9.64
C PRO A 220 14.17 -4.89 -8.66
N LEU A 221 13.78 -3.95 -7.82
CA LEU A 221 12.81 -4.24 -6.77
C LEU A 221 11.39 -4.36 -7.31
N LEU A 222 11.02 -3.42 -8.18
CA LEU A 222 9.75 -3.44 -8.87
C LEU A 222 9.70 -4.57 -9.79
N CYS A 223 10.81 -4.87 -10.47
CA CYS A 223 10.94 -6.05 -11.36
C CYS A 223 10.54 -7.33 -10.58
N GLU A 224 11.09 -7.51 -9.37
CA GLU A 224 10.92 -8.76 -8.65
C GLU A 224 9.59 -8.84 -7.99
N ILE A 225 9.14 -7.72 -7.40
CA ILE A 225 7.87 -7.70 -6.66
C ILE A 225 6.64 -7.75 -7.57
N TRP A 226 6.70 -7.11 -8.73
CA TRP A 226 5.61 -7.20 -9.69
C TRP A 226 5.74 -8.41 -10.59
N ASP A 227 6.90 -9.04 -10.56
CA ASP A 227 7.13 -10.26 -11.28
C ASP A 227 7.22 -10.10 -12.82
N VAL A 228 7.75 -8.97 -13.29
CA VAL A 228 7.68 -8.67 -14.73
C VAL A 228 8.79 -9.42 -15.49
N GLN A 229 8.48 -9.81 -16.74
CA GLN A 229 9.40 -10.48 -17.70
C GLN A 229 10.24 -11.62 -17.10
N ASN B 1 13.87 -18.35 -6.70
CA ASN B 1 13.73 -18.30 -5.25
C ASN B 1 13.33 -16.91 -4.77
N GLU B 2 13.64 -15.90 -5.57
CA GLU B 2 13.32 -14.53 -5.24
C GLU B 2 14.30 -13.69 -4.39
N ALA B 3 15.56 -13.96 -4.54
CA ALA B 3 16.68 -13.76 -3.65
C ALA B 3 16.55 -12.38 -3.05
N LEU B 4 16.08 -11.44 -3.87
CA LEU B 4 16.01 -10.04 -3.45
C LEU B 4 15.00 -9.88 -2.33
N LEU B 5 13.83 -10.47 -2.48
CA LEU B 5 12.85 -10.37 -1.43
C LEU B 5 13.25 -11.17 -0.17
N ARG B 6 13.75 -12.40 -0.32
CA ARG B 6 14.28 -13.08 0.88
C ARG B 6 15.32 -12.25 1.62
N TYR B 7 16.14 -11.59 0.81
CA TYR B 7 17.16 -10.75 1.32
C TYR B 7 16.58 -9.61 2.17
N LEU B 8 15.54 -8.97 1.65
CA LEU B 8 14.95 -7.86 2.37
C LEU B 8 14.12 -8.28 3.58
N LEU B 9 13.38 -9.37 3.48
CA LEU B 9 12.61 -9.91 4.62
C LEU B 9 13.42 -10.51 5.78
N ASP B 10 14.68 -10.85 5.52
CA ASP B 10 15.53 -11.47 6.52
C ASP B 10 16.60 -10.49 7.06
N LYS B 11 16.60 -9.29 6.50
CA LYS B 11 17.54 -8.28 6.90
C LYS B 11 17.28 -7.99 8.38
O1 93R C . 2.73 3.01 -7.24
O2 93R C . 4.22 3.46 -12.44
O3 93R C . 3.10 2.14 -14.01
C14 93R C . 3.39 2.54 -12.64
C15 93R C . 4.16 1.80 -14.92
C6 93R C . 2.65 1.83 -11.51
C5 93R C . 2.03 0.47 -11.63
C16 93R C . 2.02 -0.39 -12.88
N 93R C . 1.41 -0.09 -10.59
C4 93R C . 1.27 0.47 -9.39
C17 93R C . 0.54 -0.28 -8.29
C7 93R C . 2.58 2.54 -10.20
C3 93R C . 1.84 1.83 -9.12
C2 93R C . 1.76 2.52 -7.76
O 93R C . 0.56 2.69 -7.01
C1 93R C . 0.31 3.99 -6.45
C 93R C . 0.13 5.04 -7.54
C8 93R C . 1.97 3.87 -10.43
C13 93R C . 2.70 5.02 -10.12
C12 93R C . 2.11 6.26 -10.34
C11 93R C . 0.81 6.41 -10.88
C10 93R C . 0.01 5.30 -11.23
CL 93R C . -1.68 5.29 -11.95
C9 93R C . 0.58 3.96 -11.00
CL1 93R C . -0.53 2.61 -11.44
#